data_7QU3
#
_entry.id   7QU3
#
_cell.length_a   49.543
_cell.length_b   57.669
_cell.length_c   101.440
_cell.angle_alpha   90.000
_cell.angle_beta   90.000
_cell.angle_gamma   90.000
#
_symmetry.space_group_name_H-M   'P 21 21 21'
#
loop_
_entity.id
_entity.type
_entity.pdbx_description
1 polymer 'Na(+)-translocating NADH-quinone reductase subunit F'
2 non-polymer 'FLAVIN-ADENINE DINUCLEOTIDE'
3 non-polymer 4-(benzimidazol-1-ylmethyl)benzenecarbonitrile
4 non-polymer 'MAGNESIUM ION'
5 non-polymer 'DIMETHYL SULFOXIDE'
6 water water
#
_entity_poly.entity_id   1
_entity_poly.type   'polypeptide(L)'
_entity_poly.pdbx_seq_one_letter_code
;GPVKKWECTVESNPNVATFIKELTLRLPDGESVDFRAGGYVQLECPPHVVEYKDFDIQPEYRGDWDKFNMWRYVSKVDET
VIRAYSMANYPEEQGVVKFNIRIASPPPGSDLPPGQMSSWVFNLKPGDKVTVYGPFGEFFAKDTEAEMVFIGGGAGMAPM
RSHIFDQLRRLKSNRKISFWYGARSLREAFYTEEYDQLQAENPNFQWHLALSDPQPEDNWTGLTGFIHNVLFENYLKDHP
APEDCEFYMCGPPMMNAAVIKMLTDLGVERENILLDDFGG
;
_entity_poly.pdbx_strand_id   A
#
loop_
_chem_comp.id
_chem_comp.type
_chem_comp.name
_chem_comp.formula
DMS non-polymer 'DIMETHYL SULFOXIDE' 'C2 H6 O S'
FAD non-polymer 'FLAVIN-ADENINE DINUCLEOTIDE' 'C27 H33 N9 O15 P2'
MG non-polymer 'MAGNESIUM ION' 'Mg 2'
RYM non-polymer 4-(benzimidazol-1-ylmethyl)benzenecarbonitrile 'C15 H11 N3'
#
# COMPACT_ATOMS: atom_id res chain seq x y z
N GLY A 1 9.36 22.70 -8.68
CA GLY A 1 9.58 22.97 -10.09
C GLY A 1 8.74 22.05 -10.96
N PRO A 2 9.00 22.08 -12.28
CA PRO A 2 8.24 21.25 -13.21
C PRO A 2 8.43 19.74 -13.00
N VAL A 3 7.45 19.00 -13.51
CA VAL A 3 7.49 17.54 -13.43
C VAL A 3 8.80 17.00 -13.98
N LYS A 4 9.42 16.05 -13.27
CA LYS A 4 10.62 15.39 -13.76
C LYS A 4 10.23 14.04 -14.35
N LYS A 5 11.04 13.56 -15.29
CA LYS A 5 10.82 12.28 -15.96
C LYS A 5 12.06 11.42 -15.71
N TRP A 6 11.89 10.17 -15.27
CA TRP A 6 13.01 9.25 -15.13
C TRP A 6 12.73 7.98 -15.91
N GLU A 7 13.69 7.54 -16.72
CA GLU A 7 13.56 6.19 -17.31
C GLU A 7 14.25 5.21 -16.39
N CYS A 8 13.44 4.40 -15.70
CA CYS A 8 13.91 3.49 -14.66
C CYS A 8 13.99 2.08 -15.18
N THR A 9 14.61 1.23 -14.36
CA THR A 9 14.77 -0.18 -14.66
C THR A 9 14.16 -0.96 -13.52
N VAL A 10 13.37 -1.99 -13.84
CA VAL A 10 12.83 -2.86 -12.81
C VAL A 10 13.94 -3.65 -12.14
N GLU A 11 13.98 -3.57 -10.82
CA GLU A 11 14.95 -4.33 -10.08
C GLU A 11 14.33 -5.62 -9.56
N SER A 12 13.08 -5.56 -9.10
CA SER A 12 12.40 -6.74 -8.57
C SER A 12 10.90 -6.48 -8.59
N ASN A 13 10.11 -7.56 -8.64
CA ASN A 13 8.66 -7.37 -8.70
C ASN A 13 7.92 -8.58 -8.13
N PRO A 14 8.33 -9.06 -6.96
CA PRO A 14 7.64 -10.24 -6.38
C PRO A 14 6.25 -9.87 -5.85
N ASN A 15 5.40 -10.89 -5.77
CA ASN A 15 4.22 -10.75 -4.95
C ASN A 15 4.63 -10.58 -3.49
N VAL A 16 3.90 -9.73 -2.77
CA VAL A 16 3.98 -9.70 -1.31
C VAL A 16 2.68 -10.14 -0.69
N ALA A 17 1.63 -10.27 -1.49
CA ALA A 17 0.36 -10.86 -1.11
C ALA A 17 -0.20 -11.52 -2.36
N THR A 18 -1.35 -12.19 -2.20
CA THR A 18 -1.88 -12.95 -3.33
C THR A 18 -2.06 -12.07 -4.55
N PHE A 19 -2.58 -10.83 -4.35
CA PHE A 19 -2.93 -9.96 -5.46
C PHE A 19 -2.23 -8.62 -5.37
N ILE A 20 -1.13 -8.56 -4.64
CA ILE A 20 -0.33 -7.33 -4.56
C ILE A 20 1.13 -7.64 -4.85
N LYS A 21 1.77 -6.80 -5.66
CA LYS A 21 3.19 -6.93 -5.94
C LYS A 21 3.96 -5.77 -5.34
N GLU A 22 5.22 -6.02 -4.94
CA GLU A 22 6.14 -4.96 -4.57
C GLU A 22 7.01 -4.71 -5.79
N LEU A 23 6.78 -3.60 -6.50
CA LEU A 23 7.56 -3.24 -7.69
C LEU A 23 8.66 -2.30 -7.22
N THR A 24 9.92 -2.68 -7.45
CA THR A 24 11.04 -1.79 -7.14
C THR A 24 11.69 -1.35 -8.44
N LEU A 25 11.87 -0.06 -8.59
CA LEU A 25 12.47 0.51 -9.80
C LEU A 25 13.76 1.19 -9.42
N ARG A 26 14.82 0.94 -10.20
CA ARG A 26 16.10 1.65 -10.01
C ARG A 26 16.12 2.90 -10.88
N LEU A 27 16.29 4.06 -10.26
CA LEU A 27 16.40 5.30 -11.00
C LEU A 27 17.71 5.30 -11.78
N PRO A 28 17.77 6.03 -12.88
CA PRO A 28 19.02 6.11 -13.63
C PRO A 28 20.12 6.65 -12.72
N ASP A 29 21.34 6.14 -12.90
CA ASP A 29 22.39 6.37 -11.90
C ASP A 29 22.58 7.85 -11.63
N GLY A 30 22.87 8.18 -10.37
CA GLY A 30 23.09 9.55 -9.97
C GLY A 30 21.84 10.40 -9.85
N GLU A 31 20.67 9.77 -9.72
CA GLU A 31 19.41 10.50 -9.63
C GLU A 31 18.57 9.95 -8.49
N SER A 32 17.78 10.83 -7.88
CA SER A 32 16.82 10.38 -6.87
C SER A 32 15.59 11.27 -6.94
N VAL A 33 14.52 10.80 -6.33
CA VAL A 33 13.24 11.48 -6.35
C VAL A 33 13.12 12.24 -5.05
N ASP A 34 12.90 13.55 -5.14
CA ASP A 34 12.76 14.40 -3.96
C ASP A 34 11.29 14.51 -3.61
N PHE A 35 10.82 13.53 -2.86
CA PHE A 35 9.42 13.42 -2.53
C PHE A 35 9.19 13.51 -1.02
N ARG A 36 7.93 13.66 -0.64
CA ARG A 36 7.51 13.67 0.75
C ARG A 36 6.73 12.41 1.05
N ALA A 37 6.90 11.88 2.26
CA ALA A 37 6.18 10.64 2.59
C ALA A 37 4.69 10.83 2.43
N GLY A 38 4.04 9.85 1.79
CA GLY A 38 2.66 9.95 1.42
C GLY A 38 2.47 10.37 -0.02
N GLY A 39 3.52 10.89 -0.65
CA GLY A 39 3.51 11.34 -2.04
C GLY A 39 3.53 10.17 -3.02
N TYR A 40 3.51 10.54 -4.30
CA TYR A 40 3.38 9.51 -5.32
C TYR A 40 4.07 9.97 -6.58
N VAL A 41 4.22 9.04 -7.53
CA VAL A 41 4.69 9.33 -8.88
C VAL A 41 3.67 8.79 -9.86
N GLN A 42 3.83 9.14 -11.11
CA GLN A 42 3.02 8.52 -12.17
C GLN A 42 3.87 7.51 -12.93
N LEU A 43 3.35 6.29 -13.10
CA LEU A 43 3.99 5.35 -14.01
C LEU A 43 3.30 5.44 -15.37
N GLU A 44 4.06 5.18 -16.44
CA GLU A 44 3.52 5.17 -17.79
C GLU A 44 3.73 3.81 -18.43
N CYS A 45 2.74 3.36 -19.20
CA CYS A 45 2.99 2.21 -20.08
C CYS A 45 2.66 2.59 -21.52
N PRO A 46 3.40 2.03 -22.48
CA PRO A 46 3.08 2.22 -23.92
C PRO A 46 1.94 1.30 -24.32
N PRO A 47 1.50 1.38 -25.56
CA PRO A 47 0.53 0.40 -26.08
C PRO A 47 1.13 -1.01 -25.96
N HIS A 48 0.32 -1.99 -25.58
CA HIS A 48 0.85 -3.34 -25.41
C HIS A 48 -0.27 -4.37 -25.41
N VAL A 49 0.12 -5.66 -25.30
CA VAL A 49 -0.81 -6.72 -24.95
C VAL A 49 -0.11 -7.49 -23.85
N VAL A 50 -0.81 -7.78 -22.75
N VAL A 50 -0.84 -7.83 -22.78
CA VAL A 50 -0.30 -8.68 -21.72
CA VAL A 50 -0.31 -8.63 -21.68
C VAL A 50 -1.26 -9.84 -21.51
C VAL A 50 -1.26 -9.80 -21.39
N GLU A 51 -0.69 -11.01 -21.26
CA GLU A 51 -1.47 -12.21 -20.93
C GLU A 51 -1.11 -12.59 -19.51
N TYR A 52 -2.13 -12.76 -18.67
CA TYR A 52 -1.89 -13.04 -17.24
C TYR A 52 -1.10 -14.34 -17.06
N LYS A 53 -1.22 -15.31 -17.99
CA LYS A 53 -0.46 -16.54 -17.81
C LYS A 53 1.04 -16.31 -17.95
N ASP A 54 1.46 -15.15 -18.43
CA ASP A 54 2.87 -14.82 -18.45
C ASP A 54 3.42 -14.28 -17.11
N PHE A 55 2.56 -13.93 -16.16
CA PHE A 55 3.06 -13.33 -14.93
C PHE A 55 3.92 -14.31 -14.15
N ASP A 56 4.86 -13.75 -13.41
CA ASP A 56 5.60 -14.50 -12.40
C ASP A 56 4.86 -14.29 -11.07
N ILE A 57 4.23 -15.33 -10.54
CA ILE A 57 3.49 -15.28 -9.27
C ILE A 57 4.15 -16.30 -8.35
N GLN A 58 4.56 -15.88 -7.13
CA GLN A 58 5.25 -16.84 -6.29
C GLN A 58 4.33 -18.00 -5.89
N PRO A 59 4.92 -19.14 -5.61
CA PRO A 59 4.16 -20.41 -5.51
C PRO A 59 3.01 -20.37 -4.54
N GLU A 60 3.23 -19.81 -3.37
N GLU A 60 3.21 -19.78 -3.36
CA GLU A 60 2.21 -19.90 -2.34
CA GLU A 60 2.16 -19.89 -2.34
C GLU A 60 0.93 -19.14 -2.71
C GLU A 60 0.89 -19.17 -2.75
N TYR A 61 0.97 -18.25 -3.71
CA TYR A 61 -0.20 -17.48 -4.13
C TYR A 61 -0.93 -18.08 -5.33
N ARG A 62 -0.36 -19.09 -5.99
CA ARG A 62 -0.89 -19.57 -7.26
C ARG A 62 -2.24 -20.23 -7.12
N GLY A 63 -2.50 -20.93 -6.01
CA GLY A 63 -3.77 -21.62 -5.91
C GLY A 63 -4.97 -20.69 -6.06
N ASP A 64 -4.87 -19.48 -5.48
CA ASP A 64 -5.95 -18.50 -5.64
C ASP A 64 -6.04 -17.91 -7.05
N TRP A 65 -4.92 -17.80 -7.77
CA TRP A 65 -4.96 -17.43 -9.19
C TRP A 65 -5.73 -18.50 -10.00
N ASP A 66 -5.50 -19.76 -9.71
CA ASP A 66 -6.28 -20.81 -10.34
C ASP A 66 -7.75 -20.69 -9.93
N LYS A 67 -8.01 -20.52 -8.62
CA LYS A 67 -9.37 -20.50 -8.15
C LYS A 67 -10.18 -19.42 -8.86
N PHE A 68 -9.57 -18.25 -9.10
CA PHE A 68 -10.26 -17.11 -9.70
C PHE A 68 -10.11 -17.04 -11.22
N ASN A 69 -9.66 -18.14 -11.83
CA ASN A 69 -9.53 -18.22 -13.29
C ASN A 69 -8.75 -17.03 -13.83
N MET A 70 -7.76 -16.57 -13.05
CA MET A 70 -6.99 -15.37 -13.44
C MET A 70 -6.15 -15.60 -14.69
N TRP A 71 -5.70 -16.84 -14.88
CA TRP A 71 -4.71 -17.07 -15.94
C TRP A 71 -5.27 -16.89 -17.33
N ARG A 72 -6.60 -16.83 -17.49
CA ARG A 72 -7.16 -16.65 -18.82
C ARG A 72 -7.27 -15.21 -19.26
N TYR A 73 -7.02 -14.26 -18.36
CA TYR A 73 -7.24 -12.86 -18.74
C TYR A 73 -6.16 -12.36 -19.68
N VAL A 74 -6.59 -11.47 -20.57
CA VAL A 74 -5.70 -10.83 -21.53
C VAL A 74 -6.08 -9.36 -21.55
N SER A 75 -5.08 -8.50 -21.57
CA SER A 75 -5.30 -7.04 -21.54
C SER A 75 -4.66 -6.45 -22.77
N LYS A 76 -5.47 -5.78 -23.59
CA LYS A 76 -5.00 -5.11 -24.79
C LYS A 76 -5.18 -3.61 -24.60
N VAL A 77 -4.07 -2.88 -24.64
CA VAL A 77 -4.07 -1.44 -24.33
C VAL A 77 -3.55 -0.69 -25.54
N ASP A 78 -4.39 0.17 -26.12
CA ASP A 78 -4.06 0.68 -27.43
C ASP A 78 -3.43 2.06 -27.41
N GLU A 79 -3.21 2.62 -26.24
N GLU A 79 -3.23 2.64 -26.24
CA GLU A 79 -2.68 3.98 -26.11
CA GLU A 79 -2.70 3.99 -26.11
C GLU A 79 -1.89 4.04 -24.81
C GLU A 79 -1.94 4.07 -24.81
N THR A 80 -0.92 4.94 -24.76
CA THR A 80 -0.16 5.12 -23.53
C THR A 80 -1.11 5.47 -22.39
N VAL A 81 -0.86 4.91 -21.21
CA VAL A 81 -1.67 5.13 -20.01
C VAL A 81 -0.73 5.64 -18.93
N ILE A 82 -1.23 6.58 -18.11
CA ILE A 82 -0.54 7.12 -16.94
C ILE A 82 -1.42 6.80 -15.72
N ARG A 83 -0.80 6.30 -14.63
CA ARG A 83 -1.51 6.09 -13.37
C ARG A 83 -0.59 6.44 -12.22
N ALA A 84 -1.18 6.96 -11.13
CA ALA A 84 -0.48 7.29 -9.90
C ALA A 84 -0.28 6.05 -9.01
N TYR A 85 0.96 5.91 -8.48
CA TYR A 85 1.28 4.93 -7.42
C TYR A 85 2.07 5.59 -6.31
N SER A 86 1.65 5.30 -5.06
CA SER A 86 2.31 5.88 -3.89
C SER A 86 3.64 5.28 -3.59
N MET A 87 4.59 6.11 -3.19
CA MET A 87 5.88 5.58 -2.78
CA MET A 87 5.88 5.56 -2.78
C MET A 87 5.73 4.78 -1.51
N ALA A 88 6.21 3.53 -1.52
CA ALA A 88 6.35 2.75 -0.32
C ALA A 88 7.68 3.02 0.37
N ASN A 89 8.66 3.56 -0.36
CA ASN A 89 9.88 3.89 0.35
C ASN A 89 9.69 5.27 1.00
N TYR A 90 10.49 5.53 1.98
CA TYR A 90 10.43 6.84 2.59
C TYR A 90 11.55 7.70 2.02
N PRO A 91 11.48 9.02 2.18
CA PRO A 91 12.39 9.89 1.40
C PRO A 91 13.88 9.55 1.53
N GLU A 92 14.32 8.96 2.64
CA GLU A 92 15.75 8.69 2.82
C GLU A 92 16.26 7.48 2.06
N GLU A 93 15.40 6.50 1.77
CA GLU A 93 15.77 5.37 0.91
C GLU A 93 15.93 5.79 -0.55
N GLN A 94 17.14 6.13 -0.98
CA GLN A 94 17.28 6.75 -2.29
C GLN A 94 17.76 5.77 -3.37
N GLY A 95 17.80 6.29 -4.59
CA GLY A 95 18.11 5.50 -5.75
C GLY A 95 16.97 4.68 -6.29
N VAL A 96 15.89 4.48 -5.50
CA VAL A 96 14.75 3.68 -5.94
C VAL A 96 13.43 4.40 -5.73
N VAL A 97 12.40 3.84 -6.36
CA VAL A 97 11.04 4.02 -5.93
C VAL A 97 10.47 2.60 -5.81
N LYS A 98 9.80 2.35 -4.71
CA LYS A 98 9.20 1.07 -4.39
C LYS A 98 7.71 1.29 -4.32
N PHE A 99 6.92 0.29 -4.77
CA PHE A 99 5.47 0.45 -4.85
C PHE A 99 4.84 -0.81 -4.32
N ASN A 100 3.62 -0.68 -3.86
CA ASN A 100 2.77 -1.82 -3.57
C ASN A 100 1.58 -1.68 -4.50
N ILE A 101 1.43 -2.60 -5.47
CA ILE A 101 0.43 -2.42 -6.52
C ILE A 101 -0.48 -3.63 -6.56
N ARG A 102 -1.78 -3.37 -6.49
CA ARG A 102 -2.79 -4.41 -6.55
C ARG A 102 -3.17 -4.68 -8.00
N ILE A 103 -3.31 -5.97 -8.38
CA ILE A 103 -3.80 -6.26 -9.74
C ILE A 103 -5.31 -5.98 -9.79
N ALA A 104 -5.71 -5.06 -10.66
CA ALA A 104 -7.13 -4.73 -10.78
C ALA A 104 -7.71 -5.55 -11.94
N SER A 105 -7.89 -6.85 -11.69
CA SER A 105 -8.48 -7.69 -12.73
C SER A 105 -9.95 -7.39 -12.86
N PRO A 106 -10.59 -7.93 -13.88
CA PRO A 106 -12.03 -7.69 -14.08
C PRO A 106 -12.84 -8.24 -12.92
N PRO A 107 -13.91 -7.56 -12.56
CA PRO A 107 -14.86 -8.13 -11.63
C PRO A 107 -15.16 -9.57 -12.02
N PRO A 108 -15.07 -10.52 -11.09
CA PRO A 108 -15.22 -11.94 -11.45
C PRO A 108 -16.55 -12.24 -12.14
N GLY A 109 -16.48 -13.05 -13.20
CA GLY A 109 -17.63 -13.36 -14.02
C GLY A 109 -18.05 -12.26 -14.95
N SER A 110 -17.58 -11.04 -14.75
CA SER A 110 -17.85 -9.99 -15.73
C SER A 110 -16.99 -10.21 -16.97
N ASP A 111 -17.36 -9.51 -18.03
CA ASP A 111 -16.60 -9.52 -19.28
C ASP A 111 -15.86 -8.19 -19.48
N LEU A 112 -15.58 -7.48 -18.40
CA LEU A 112 -14.98 -6.16 -18.48
C LEU A 112 -13.50 -6.29 -18.80
N PRO A 113 -12.90 -5.25 -19.38
CA PRO A 113 -11.46 -5.28 -19.67
C PRO A 113 -10.69 -5.35 -18.36
N PRO A 114 -9.58 -6.07 -18.33
CA PRO A 114 -8.69 -5.98 -17.16
C PRO A 114 -8.15 -4.56 -16.94
N GLY A 115 -7.79 -4.26 -15.68
CA GLY A 115 -7.14 -2.99 -15.35
C GLY A 115 -5.93 -2.75 -16.25
N GLN A 116 -5.86 -1.56 -16.86
CA GLN A 116 -4.83 -1.34 -17.89
C GLN A 116 -3.43 -1.31 -17.31
N MET A 117 -3.18 -0.41 -16.39
CA MET A 117 -1.80 -0.28 -15.91
C MET A 117 -1.40 -1.44 -14.99
N SER A 118 -2.27 -1.81 -14.05
CA SER A 118 -1.82 -2.82 -13.08
C SER A 118 -1.58 -4.17 -13.76
N SER A 119 -2.33 -4.49 -14.84
CA SER A 119 -2.03 -5.75 -15.54
C SER A 119 -0.66 -5.66 -16.19
N TRP A 120 -0.31 -4.47 -16.71
CA TRP A 120 1.01 -4.35 -17.28
C TRP A 120 2.07 -4.45 -16.20
N VAL A 121 1.84 -3.79 -15.07
CA VAL A 121 2.83 -3.86 -13.99
C VAL A 121 3.07 -5.32 -13.60
N PHE A 122 2.00 -6.11 -13.53
CA PHE A 122 2.22 -7.47 -13.04
C PHE A 122 3.05 -8.33 -13.99
N ASN A 123 3.21 -7.94 -15.27
CA ASN A 123 4.12 -8.68 -16.13
C ASN A 123 5.54 -8.10 -16.19
N LEU A 124 5.84 -7.07 -15.40
CA LEU A 124 7.18 -6.48 -15.40
C LEU A 124 8.20 -7.46 -14.77
N LYS A 125 9.32 -7.64 -15.48
CA LYS A 125 10.40 -8.52 -15.05
C LYS A 125 11.63 -7.69 -14.76
N PRO A 126 12.53 -8.18 -13.92
CA PRO A 126 13.79 -7.46 -13.71
C PRO A 126 14.46 -7.14 -15.06
N GLY A 127 14.96 -5.91 -15.17
CA GLY A 127 15.58 -5.43 -16.40
C GLY A 127 14.65 -4.67 -17.34
N ASP A 128 13.32 -4.80 -17.15
CA ASP A 128 12.40 -4.05 -17.98
C ASP A 128 12.53 -2.56 -17.69
N LYS A 129 12.21 -1.74 -18.68
CA LYS A 129 12.26 -0.28 -18.57
C LYS A 129 10.86 0.26 -18.25
N VAL A 130 10.78 1.25 -17.32
CA VAL A 130 9.52 1.91 -16.96
C VAL A 130 9.79 3.40 -16.85
N THR A 131 8.99 4.19 -17.55
CA THR A 131 9.03 5.66 -17.44
C THR A 131 8.20 6.13 -16.26
N VAL A 132 8.78 7.01 -15.44
CA VAL A 132 8.17 7.53 -14.22
C VAL A 132 8.18 9.04 -14.26
N TYR A 133 7.09 9.66 -13.80
CA TYR A 133 7.00 11.13 -13.73
C TYR A 133 6.68 11.59 -12.31
N GLY A 134 7.24 12.72 -11.90
CA GLY A 134 6.87 13.26 -10.62
C GLY A 134 7.92 14.16 -10.02
N PRO A 135 7.97 14.29 -8.68
CA PRO A 135 7.04 13.78 -7.68
C PRO A 135 5.79 14.60 -7.51
N PHE A 136 4.79 13.98 -6.89
CA PHE A 136 3.51 14.62 -6.58
C PHE A 136 3.17 14.33 -5.14
N GLY A 137 2.17 15.04 -4.61
CA GLY A 137 1.64 14.54 -3.37
C GLY A 137 0.77 15.49 -2.61
N GLU A 138 -0.14 14.91 -1.81
CA GLU A 138 -0.92 15.73 -0.88
C GLU A 138 -1.22 15.03 0.43
N PHE A 139 -1.03 13.73 0.51
CA PHE A 139 -1.32 12.95 1.71
C PHE A 139 -0.16 13.08 2.69
N PHE A 140 -0.01 14.27 3.27
CA PHE A 140 1.17 14.51 4.11
C PHE A 140 0.80 14.57 5.58
N ALA A 141 1.79 14.23 6.42
CA ALA A 141 1.60 14.23 7.87
C ALA A 141 1.44 15.66 8.37
N LYS A 142 0.62 15.83 9.41
CA LYS A 142 0.57 17.13 10.07
C LYS A 142 1.78 17.30 10.95
N ASP A 143 2.22 18.55 11.09
CA ASP A 143 3.37 18.94 11.90
C ASP A 143 2.85 19.45 13.23
N THR A 144 2.60 18.53 14.16
CA THR A 144 2.09 18.80 15.49
C THR A 144 2.72 17.80 16.45
N GLU A 145 2.26 17.82 17.70
CA GLU A 145 2.72 16.87 18.70
C GLU A 145 1.70 15.76 18.94
N ALA A 146 0.60 15.76 18.20
CA ALA A 146 -0.52 14.92 18.52
C ALA A 146 -0.20 13.46 18.27
N GLU A 147 -0.92 12.61 18.98
CA GLU A 147 -0.84 11.18 18.75
C GLU A 147 -1.29 10.88 17.32
N MET A 148 -0.61 9.94 16.66
CA MET A 148 -0.93 9.52 15.31
C MET A 148 -1.45 8.10 15.26
N VAL A 149 -2.53 7.91 14.50
CA VAL A 149 -3.11 6.57 14.32
C VAL A 149 -3.17 6.30 12.81
N PHE A 150 -2.37 5.34 12.34
CA PHE A 150 -2.30 4.98 10.92
C PHE A 150 -3.12 3.71 10.72
N ILE A 151 -3.97 3.73 9.69
CA ILE A 151 -4.86 2.63 9.41
C ILE A 151 -4.76 2.26 7.95
N GLY A 152 -4.36 1.02 7.65
CA GLY A 152 -4.15 0.62 6.28
C GLY A 152 -4.78 -0.70 5.92
N GLY A 153 -4.97 -0.89 4.61
CA GLY A 153 -5.37 -2.19 4.09
C GLY A 153 -4.90 -2.30 2.66
N GLY A 154 -4.68 -3.55 2.25
CA GLY A 154 -4.29 -3.79 0.84
C GLY A 154 -3.08 -2.98 0.44
N ALA A 155 -3.10 -2.45 -0.81
CA ALA A 155 -1.93 -1.70 -1.26
C ALA A 155 -1.79 -0.34 -0.57
N GLY A 156 -2.76 0.07 0.25
CA GLY A 156 -2.58 1.22 1.11
C GLY A 156 -1.45 1.06 2.10
N MET A 157 -0.89 -0.16 2.23
CA MET A 157 0.38 -0.33 2.89
C MET A 157 1.44 0.62 2.41
N ALA A 158 1.46 0.96 1.10
CA ALA A 158 2.60 1.72 0.58
C ALA A 158 2.76 3.09 1.27
N PRO A 159 1.78 3.97 1.28
CA PRO A 159 1.96 5.26 1.98
C PRO A 159 2.06 5.08 3.48
N MET A 160 1.53 3.99 4.02
CA MET A 160 1.67 3.78 5.45
C MET A 160 3.14 3.56 5.77
N ARG A 161 3.80 2.67 4.99
CA ARG A 161 5.23 2.42 5.21
C ARG A 161 6.01 3.71 5.06
N SER A 162 5.70 4.47 4.02
CA SER A 162 6.47 5.70 3.79
C SER A 162 6.31 6.65 4.98
N HIS A 163 5.05 6.84 5.44
CA HIS A 163 4.78 7.72 6.58
C HIS A 163 5.48 7.26 7.86
N ILE A 164 5.38 5.97 8.15
CA ILE A 164 5.80 5.50 9.47
C ILE A 164 7.32 5.51 9.57
N PHE A 165 8.01 5.06 8.52
CA PHE A 165 9.47 5.19 8.53
C PHE A 165 9.90 6.66 8.54
N ASP A 166 9.16 7.53 7.84
CA ASP A 166 9.55 8.92 7.80
C ASP A 166 9.48 9.52 9.20
N GLN A 167 8.48 9.14 9.99
CA GLN A 167 8.37 9.71 11.34
C GLN A 167 9.48 9.19 12.22
N LEU A 168 9.71 7.87 12.19
CA LEU A 168 10.58 7.21 13.16
C LEU A 168 12.05 7.25 12.76
N ARG A 169 12.33 7.26 11.46
CA ARG A 169 13.71 7.11 11.02
C ARG A 169 14.33 8.44 10.62
N ARG A 170 13.56 9.36 10.02
CA ARG A 170 14.07 10.66 9.61
C ARG A 170 13.74 11.79 10.59
N LEU A 171 12.48 11.98 10.95
CA LEU A 171 12.10 12.99 11.92
C LEU A 171 12.46 12.61 13.36
N LYS A 172 12.85 11.35 13.59
CA LYS A 172 13.10 10.83 14.94
C LYS A 172 12.06 11.34 15.90
N SER A 173 10.80 11.16 15.50
CA SER A 173 9.68 11.71 16.25
C SER A 173 9.50 10.94 17.54
N ASN A 174 9.18 11.66 18.60
CA ASN A 174 8.79 11.00 19.83
C ASN A 174 7.26 10.96 19.99
N ARG A 175 6.51 11.35 18.96
CA ARG A 175 5.05 11.30 19.03
C ARG A 175 4.60 9.87 19.25
N LYS A 176 3.46 9.72 19.92
CA LYS A 176 2.86 8.40 20.05
C LYS A 176 2.25 7.99 18.73
N ILE A 177 2.64 6.83 18.20
CA ILE A 177 2.24 6.44 16.85
C ILE A 177 1.81 4.99 16.89
N SER A 178 0.66 4.67 16.32
CA SER A 178 0.31 3.26 16.14
C SER A 178 -0.14 3.05 14.71
N PHE A 179 -0.02 1.79 14.27
CA PHE A 179 -0.36 1.38 12.91
C PHE A 179 -1.23 0.16 13.04
N TRP A 180 -2.40 0.22 12.40
CA TRP A 180 -3.38 -0.85 12.39
C TRP A 180 -3.62 -1.30 10.97
N TYR A 181 -3.26 -2.56 10.66
CA TYR A 181 -3.31 -3.05 9.28
C TYR A 181 -4.27 -4.23 9.20
N GLY A 182 -5.27 -4.12 8.34
CA GLY A 182 -6.27 -5.16 8.17
C GLY A 182 -5.96 -5.98 6.93
N ALA A 183 -6.01 -7.29 7.09
CA ALA A 183 -5.73 -8.16 5.95
C ALA A 183 -6.60 -9.40 6.13
N ARG A 184 -6.77 -10.14 5.04
CA ARG A 184 -7.62 -11.34 5.13
C ARG A 184 -6.95 -12.44 6.00
N SER A 185 -5.68 -12.78 5.74
CA SER A 185 -5.00 -13.88 6.42
C SER A 185 -3.49 -13.63 6.39
N LEU A 186 -2.73 -14.51 7.05
CA LEU A 186 -1.30 -14.27 7.19
C LEU A 186 -0.63 -14.19 5.85
N ARG A 187 -1.09 -14.99 4.87
CA ARG A 187 -0.50 -14.94 3.53
C ARG A 187 -0.60 -13.54 2.94
N GLU A 188 -1.54 -12.71 3.40
CA GLU A 188 -1.72 -11.37 2.81
C GLU A 188 -1.01 -10.30 3.58
N ALA A 189 -0.38 -10.65 4.69
CA ALA A 189 0.35 -9.67 5.45
C ALA A 189 1.78 -9.60 4.91
N PHE A 190 2.36 -8.41 4.92
CA PHE A 190 3.74 -8.24 4.51
C PHE A 190 4.35 -7.06 5.27
N TYR A 191 5.67 -6.92 5.14
CA TYR A 191 6.49 -6.00 5.92
C TYR A 191 6.41 -6.27 7.41
N THR A 192 5.98 -7.47 7.82
CA THR A 192 5.81 -7.73 9.25
C THR A 192 7.13 -7.64 10.01
N GLU A 193 8.24 -8.11 9.41
CA GLU A 193 9.55 -8.00 10.08
C GLU A 193 9.96 -6.54 10.23
N GLU A 194 9.67 -5.72 9.22
N GLU A 194 9.69 -5.72 9.21
CA GLU A 194 10.03 -4.32 9.29
CA GLU A 194 10.03 -4.29 9.29
C GLU A 194 9.31 -3.62 10.44
C GLU A 194 9.32 -3.64 10.46
N TYR A 195 8.00 -3.85 10.58
CA TYR A 195 7.25 -3.14 11.62
C TYR A 195 7.59 -3.71 12.99
N ASP A 196 7.85 -5.01 13.05
CA ASP A 196 8.27 -5.55 14.34
C ASP A 196 9.60 -4.92 14.77
N GLN A 197 10.52 -4.71 13.83
CA GLN A 197 11.81 -4.09 14.17
C GLN A 197 11.59 -2.65 14.61
N LEU A 198 10.72 -1.92 13.91
CA LEU A 198 10.49 -0.53 14.30
C LEU A 198 9.89 -0.47 15.68
N GLN A 199 9.02 -1.42 16.00
CA GLN A 199 8.43 -1.45 17.33
C GLN A 199 9.47 -1.76 18.39
N ALA A 200 10.43 -2.64 18.08
CA ALA A 200 11.48 -2.97 19.03
C ALA A 200 12.50 -1.83 19.20
N GLU A 201 12.64 -0.95 18.20
CA GLU A 201 13.52 0.21 18.26
C GLU A 201 12.90 1.48 18.80
N ASN A 202 11.58 1.59 18.84
CA ASN A 202 10.92 2.85 19.21
C ASN A 202 9.80 2.60 20.18
N PRO A 203 9.99 2.92 21.48
CA PRO A 203 8.93 2.63 22.45
C PRO A 203 7.66 3.41 22.20
N ASN A 204 7.72 4.49 21.42
CA ASN A 204 6.53 5.25 21.08
C ASN A 204 5.74 4.65 19.93
N PHE A 205 6.21 3.54 19.34
CA PHE A 205 5.56 2.93 18.19
C PHE A 205 5.01 1.55 18.51
N GLN A 206 3.80 1.26 18.04
CA GLN A 206 3.09 0.00 18.26
C GLN A 206 2.35 -0.33 16.99
N TRP A 207 2.43 -1.57 16.50
CA TRP A 207 1.64 -1.93 15.33
C TRP A 207 0.83 -3.18 15.62
N HIS A 208 -0.25 -3.32 14.85
CA HIS A 208 -1.25 -4.34 15.08
C HIS A 208 -1.71 -4.87 13.76
N LEU A 209 -1.59 -6.18 13.57
CA LEU A 209 -2.13 -6.84 12.39
C LEU A 209 -3.45 -7.50 12.77
N ALA A 210 -4.53 -7.21 12.06
CA ALA A 210 -5.82 -7.84 12.30
C ALA A 210 -6.25 -8.63 11.08
N LEU A 211 -6.61 -9.91 11.27
CA LEU A 211 -7.01 -10.79 10.19
C LEU A 211 -8.52 -10.99 10.18
N SER A 212 -9.15 -10.76 9.02
CA SER A 212 -10.58 -10.91 8.90
C SER A 212 -11.02 -12.31 8.52
N ASP A 213 -10.12 -13.13 7.95
CA ASP A 213 -10.48 -14.49 7.61
C ASP A 213 -9.23 -15.34 7.79
N PRO A 214 -8.72 -15.47 9.02
CA PRO A 214 -7.53 -16.28 9.23
C PRO A 214 -7.74 -17.69 8.69
N GLN A 215 -6.71 -18.21 8.05
CA GLN A 215 -6.78 -19.53 7.43
C GLN A 215 -6.36 -20.59 8.43
N PRO A 216 -6.78 -21.82 8.23
CA PRO A 216 -6.39 -22.86 9.20
C PRO A 216 -4.88 -22.91 9.42
N GLU A 217 -4.09 -22.79 8.34
CA GLU A 217 -2.64 -22.91 8.47
C GLU A 217 -2.05 -21.77 9.30
N ASP A 218 -2.81 -20.68 9.48
CA ASP A 218 -2.27 -19.54 10.22
C ASP A 218 -2.17 -19.79 11.69
N ASN A 219 -3.00 -20.71 12.21
CA ASN A 219 -3.08 -20.97 13.65
C ASN A 219 -3.16 -19.66 14.43
N TRP A 220 -4.05 -18.78 13.95
CA TRP A 220 -4.03 -17.40 14.42
C TRP A 220 -4.72 -17.21 15.77
N THR A 221 -3.99 -16.61 16.70
CA THR A 221 -4.55 -16.20 17.97
C THR A 221 -4.44 -14.71 18.21
N GLY A 222 -4.10 -13.93 17.17
CA GLY A 222 -4.02 -12.49 17.28
C GLY A 222 -5.37 -11.83 17.05
N LEU A 223 -5.31 -10.53 16.72
CA LEU A 223 -6.53 -9.76 16.53
C LEU A 223 -7.27 -10.25 15.31
N THR A 224 -8.58 -10.38 15.46
CA THR A 224 -9.41 -11.03 14.48
C THR A 224 -10.65 -10.20 14.25
N GLY A 225 -10.98 -9.95 12.95
CA GLY A 225 -12.16 -9.24 12.51
C GLY A 225 -11.76 -8.13 11.58
N PHE A 226 -12.71 -7.23 11.32
CA PHE A 226 -12.46 -6.11 10.41
C PHE A 226 -11.81 -4.96 11.17
N ILE A 227 -10.95 -4.22 10.48
CA ILE A 227 -10.04 -3.33 11.21
C ILE A 227 -10.79 -2.23 11.99
N HIS A 228 -11.95 -1.79 11.52
CA HIS A 228 -12.65 -0.75 12.26
C HIS A 228 -13.17 -1.28 13.59
N ASN A 229 -13.68 -2.52 13.58
CA ASN A 229 -14.11 -3.12 14.85
C ASN A 229 -12.94 -3.39 15.77
N VAL A 230 -11.82 -3.87 15.22
CA VAL A 230 -10.66 -4.19 16.02
C VAL A 230 -10.08 -2.94 16.65
N LEU A 231 -9.91 -1.89 15.85
CA LEU A 231 -9.35 -0.65 16.37
C LEU A 231 -10.24 -0.04 17.45
N PHE A 232 -11.55 -0.11 17.28
CA PHE A 232 -12.44 0.42 18.31
C PHE A 232 -12.35 -0.39 19.59
N GLU A 233 -12.57 -1.70 19.48
CA GLU A 233 -12.64 -2.56 20.66
C GLU A 233 -11.31 -2.65 21.39
N ASN A 234 -10.19 -2.63 20.66
CA ASN A 234 -8.90 -2.82 21.30
C ASN A 234 -8.14 -1.55 21.63
N TYR A 235 -8.67 -0.37 21.31
CA TYR A 235 -7.89 0.82 21.60
C TYR A 235 -8.75 2.06 21.72
N LEU A 236 -9.62 2.33 20.74
CA LEU A 236 -10.31 3.61 20.77
C LEU A 236 -11.47 3.66 21.75
N LYS A 237 -12.12 2.51 22.03
CA LYS A 237 -13.26 2.49 22.96
C LYS A 237 -12.88 3.02 24.33
N ASP A 238 -11.66 2.73 24.77
CA ASP A 238 -11.21 3.13 26.09
C ASP A 238 -10.27 4.33 26.06
N HIS A 239 -9.99 4.85 24.89
CA HIS A 239 -9.09 6.00 24.77
C HIS A 239 -9.71 7.21 25.46
N PRO A 240 -8.94 7.94 26.28
CA PRO A 240 -9.52 9.08 27.00
C PRO A 240 -9.92 10.23 26.09
N ALA A 241 -9.30 10.36 24.89
CA ALA A 241 -9.57 11.52 24.04
C ALA A 241 -9.25 11.18 22.59
N PRO A 242 -10.07 10.34 21.95
CA PRO A 242 -9.78 9.99 20.56
C PRO A 242 -9.81 11.18 19.64
N GLU A 243 -10.63 12.18 19.95
CA GLU A 243 -10.75 13.38 19.11
C GLU A 243 -9.46 14.19 19.08
N ASP A 244 -8.51 13.94 19.99
CA ASP A 244 -7.20 14.61 20.00
C ASP A 244 -6.15 13.89 19.15
N CYS A 245 -6.49 12.75 18.54
CA CYS A 245 -5.55 12.01 17.70
C CYS A 245 -5.71 12.46 16.25
N GLU A 246 -4.65 12.27 15.49
CA GLU A 246 -4.68 12.47 14.04
C GLU A 246 -4.74 11.09 13.41
N PHE A 247 -5.72 10.87 12.54
CA PHE A 247 -5.91 9.56 11.89
C PHE A 247 -5.55 9.68 10.43
N TYR A 248 -4.74 8.72 9.95
CA TYR A 248 -4.29 8.67 8.56
C TYR A 248 -4.73 7.31 8.01
N MET A 249 -5.56 7.34 6.98
CA MET A 249 -6.24 6.14 6.48
C MET A 249 -5.88 5.91 5.02
N CYS A 250 -5.59 4.64 4.65
CA CYS A 250 -5.50 4.28 3.24
C CYS A 250 -5.80 2.80 3.11
N GLY A 251 -6.96 2.49 2.57
CA GLY A 251 -7.36 1.10 2.33
C GLY A 251 -8.29 0.98 1.14
N PRO A 252 -8.83 -0.21 0.92
CA PRO A 252 -9.86 -0.37 -0.10
C PRO A 252 -11.11 0.44 0.27
N PRO A 253 -12.03 0.68 -0.68
CA PRO A 253 -13.14 1.61 -0.39
C PRO A 253 -14.01 1.19 0.79
N MET A 254 -14.34 -0.10 0.92
CA MET A 254 -15.23 -0.53 2.00
C MET A 254 -14.59 -0.29 3.35
N MET A 255 -13.26 -0.46 3.41
CA MET A 255 -12.56 -0.28 4.67
C MET A 255 -12.52 1.20 5.05
N ASN A 256 -12.19 2.04 4.07
CA ASN A 256 -12.18 3.50 4.30
C ASN A 256 -13.51 3.93 4.91
N ALA A 257 -14.61 3.49 4.30
CA ALA A 257 -15.92 3.93 4.75
C ALA A 257 -16.22 3.43 6.15
N ALA A 258 -15.90 2.17 6.44
CA ALA A 258 -16.24 1.63 7.74
C ALA A 258 -15.42 2.30 8.85
N VAL A 259 -14.13 2.52 8.58
CA VAL A 259 -13.28 3.21 9.55
C VAL A 259 -13.79 4.63 9.78
N ILE A 260 -14.11 5.36 8.72
CA ILE A 260 -14.60 6.73 8.91
C ILE A 260 -15.87 6.75 9.76
N LYS A 261 -16.83 5.88 9.47
CA LYS A 261 -18.07 5.87 10.25
C LYS A 261 -17.77 5.57 11.70
N MET A 262 -17.00 4.51 11.96
CA MET A 262 -16.50 4.25 13.31
C MET A 262 -15.95 5.50 13.98
N LEU A 263 -15.05 6.20 13.30
CA LEU A 263 -14.36 7.33 13.94
C LEU A 263 -15.33 8.45 14.22
N THR A 264 -16.18 8.79 13.24
CA THR A 264 -17.07 9.91 13.44
C THR A 264 -18.13 9.56 14.47
N ASP A 265 -18.59 8.30 14.49
CA ASP A 265 -19.48 7.87 15.55
C ASP A 265 -18.86 8.08 16.93
N LEU A 266 -17.55 7.93 17.01
CA LEU A 266 -16.79 8.16 18.24
C LEU A 266 -16.67 9.63 18.59
N GLY A 267 -17.05 10.52 17.68
CA GLY A 267 -16.90 11.94 17.93
C GLY A 267 -15.64 12.52 17.37
N VAL A 268 -14.90 11.76 16.56
CA VAL A 268 -13.75 12.34 15.91
C VAL A 268 -14.22 13.25 14.80
N GLU A 269 -13.58 14.40 14.64
CA GLU A 269 -13.98 15.33 13.61
C GLU A 269 -13.34 14.91 12.30
N ARG A 270 -14.13 14.96 11.20
CA ARG A 270 -13.60 14.65 9.87
C ARG A 270 -12.30 15.41 9.55
N GLU A 271 -12.09 16.58 10.16
CA GLU A 271 -10.86 17.35 9.96
C GLU A 271 -9.64 16.73 10.64
N ASN A 272 -9.85 15.80 11.58
CA ASN A 272 -8.73 15.06 12.16
C ASN A 272 -8.48 13.75 11.44
N ILE A 273 -9.20 13.50 10.36
CA ILE A 273 -9.07 12.25 9.58
C ILE A 273 -8.56 12.57 8.19
N LEU A 274 -7.39 12.06 7.84
CA LEU A 274 -6.85 12.31 6.50
C LEU A 274 -6.89 10.99 5.73
N LEU A 275 -7.57 11.00 4.59
CA LEU A 275 -7.77 9.81 3.74
C LEU A 275 -6.97 9.95 2.45
N ASP A 276 -6.17 8.93 2.11
CA ASP A 276 -5.59 8.72 0.77
C ASP A 276 -6.51 7.80 0.00
N ASP A 277 -7.24 8.38 -0.95
CA ASP A 277 -8.23 7.71 -1.75
C ASP A 277 -7.58 7.25 -3.05
N PHE A 278 -7.30 5.98 -3.16
CA PHE A 278 -6.74 5.53 -4.43
C PHE A 278 -7.76 5.56 -5.56
N GLY A 279 -9.05 5.66 -5.26
CA GLY A 279 -10.08 5.87 -6.26
C GLY A 279 -10.80 4.64 -6.80
PA FAD B . -8.30 0.51 -14.84
O1A FAD B . -8.36 1.93 -14.44
O2A FAD B . -8.08 0.21 -16.32
O5B FAD B . -9.52 -0.39 -14.32
C5B FAD B . -9.92 -0.33 -12.93
C4B FAD B . -10.88 -1.46 -12.67
O4B FAD B . -12.08 -1.18 -13.45
C3B FAD B . -10.39 -2.86 -13.09
O3B FAD B . -10.85 -3.86 -12.18
C2B FAD B . -11.11 -3.05 -14.42
O2B FAD B . -11.25 -4.42 -14.80
C1B FAD B . -12.43 -2.34 -14.12
N9A FAD B . -13.20 -1.92 -15.26
C8A FAD B . -12.80 -1.78 -16.57
N7A FAD B . -13.74 -1.33 -17.37
C5A FAD B . -14.83 -1.15 -16.53
C6A FAD B . -16.14 -0.69 -16.74
N6A FAD B . -16.60 -0.32 -17.94
N1A FAD B . -16.97 -0.63 -15.68
C2A FAD B . -16.51 -0.98 -14.48
N3A FAD B . -15.30 -1.43 -14.14
C4A FAD B . -14.50 -1.49 -15.23
N1 FAD B . -3.04 1.72 -6.66
C2 FAD B . -2.20 0.81 -6.07
O2 FAD B . -2.36 -0.39 -6.29
N3 FAD B . -1.20 1.20 -5.22
C4 FAD B . -0.91 2.53 -4.89
O4 FAD B . 0.05 2.78 -4.17
C4X FAD B . -1.79 3.49 -5.51
N5 FAD B . -1.58 4.77 -5.23
C5X FAD B . -2.43 5.70 -5.79
C6 FAD B . -2.22 7.04 -5.49
C7 FAD B . -3.06 8.02 -6.04
C7M FAD B . -2.78 9.47 -5.72
C8 FAD B . -4.09 7.64 -6.91
C8M FAD B . -5.00 8.66 -7.54
C9 FAD B . -4.29 6.29 -7.22
C9A FAD B . -3.48 5.32 -6.66
N10 FAD B . -3.65 3.95 -6.93
C10 FAD B . -2.82 3.01 -6.38
C1' FAD B . -4.66 3.49 -7.91
C2' FAD B . -4.00 3.40 -9.31
O2' FAD B . -3.61 4.70 -9.75
C3' FAD B . -4.95 2.82 -10.37
O3' FAD B . -6.19 3.50 -10.40
C4' FAD B . -5.15 1.32 -10.19
O4' FAD B . -3.86 0.67 -10.28
C5' FAD B . -6.07 0.76 -11.25
O5' FAD B . -5.62 1.21 -12.54
P FAD B . -5.63 0.24 -13.78
O1P FAD B . -5.15 1.10 -14.95
O2P FAD B . -4.88 -1.03 -13.48
O3P FAD B . -7.15 -0.20 -14.00
N1 RYM C . -11.07 -4.70 7.69
N3 RYM C . -7.06 -4.58 -0.31
C4 RYM C . -12.05 -5.23 5.69
C5 RYM C . -12.09 -4.37 6.79
C6 RYM C . -13.08 -3.38 6.86
C7 RYM C . -10.46 -5.71 7.13
C8 RYM C . -10.51 -7.18 5.07
C10 RYM C . -10.35 -6.58 2.63
C13 RYM C . -7.75 -5.72 2.94
C15 RYM C . -7.62 -5.10 0.57
C1 RYM C . -13.99 -3.29 5.82
C11 RYM C . -9.66 -6.07 1.53
C12 RYM C . -8.36 -5.65 1.69
C14 RYM C . -8.45 -6.23 4.01
C2 RYM C . -13.91 -4.15 4.72
C3 RYM C . -12.94 -5.13 4.62
C9 RYM C . -9.75 -6.68 3.87
N2 RYM C . -10.99 -6.09 5.92
MG MG D . 8.67 -8.89 -21.11
S DMS E . 3.30 14.45 -16.14
O DMS E . 2.15 14.86 -15.24
C1 DMS E . 3.47 15.76 -17.35
C2 DMS E . 2.87 13.00 -17.16
H11 DMS E . 4.26 15.53 -18.02
H12 DMS E . 3.69 16.67 -16.85
H13 DMS E . 2.56 15.87 -17.89
H21 DMS E . 3.69 12.74 -17.76
H22 DMS E . 2.03 13.23 -17.77
H23 DMS E . 2.62 12.19 -16.53
S DMS F . 0.90 -7.93 15.66
O DMS F . 1.68 -6.82 14.96
C1 DMS F . 0.52 -9.37 14.61
C2 DMS F . -0.72 -7.36 16.19
H11 DMS F . 0.29 -10.20 15.22
H12 DMS F . 1.37 -9.60 14.02
H13 DMS F . -0.30 -9.15 13.99
H21 DMS F . -0.65 -6.37 16.56
H22 DMS F . -1.09 -8.00 16.95
H23 DMS F . -1.39 -7.37 15.36
S DMS G . 4.72 -5.89 -20.65
O DMS G . 4.74 -7.39 -20.73
C1 DMS G . 6.37 -5.27 -21.11
C2 DMS G . 4.84 -5.44 -18.84
H11 DMS G . 6.41 -4.22 -20.99
H12 DMS G . 6.57 -5.52 -22.12
H13 DMS G . 7.11 -5.72 -20.48
H21 DMS G . 4.69 -4.41 -18.73
H22 DMS G . 5.80 -5.71 -18.48
H23 DMS G . 4.11 -5.97 -18.29
S DMS H . -6.41 -1.56 -2.53
O DMS H . -5.50 -2.70 -2.32
C1 DMS H . -6.07 -0.15 -1.42
C2 DMS H . -5.92 -0.72 -4.11
H11 DMS H . -5.07 0.18 -1.56
H12 DMS H . -6.21 -0.44 -0.42
H13 DMS H . -6.73 0.64 -1.64
H21 DMS H . -6.00 -1.40 -4.92
H22 DMS H . -4.92 -0.37 -4.03
H23 DMS H . -6.56 0.11 -4.29
#